data_7PT0
#
_entry.id   7PT0
#
_cell.length_a   55.128
_cell.length_b   79.877
_cell.length_c   96.868
_cell.angle_alpha   90.000
_cell.angle_beta   90.000
_cell.angle_gamma   90.000
#
_symmetry.space_group_name_H-M   'P 21 21 21'
#
loop_
_entity.id
_entity.type
_entity.pdbx_description
1 polymer 'TetR family transcriptional regulator'
2 non-polymer SPERMIDINE
3 water water
#
_entity_poly.entity_id   1
_entity_poly.type   'polypeptide(L)'
_entity_poly.pdbx_seq_one_letter_code
;MVSLTERRKAETRMEIARAAARLFVGQGLRATRAEDIARAAGVAPRTFYRYFATKEEAVAPLYALGAERWVRAVREAPAE
LSPPEALERAVRHTLTPGAGVSAPSWEWARTLIRLAESSPALRKVWAEVCHSTERGLVQALAARMSGGDDNVAVRLAASP
RLHFAAAVAGASVRVAAEHWASSSPQGARSPLEQALLNLEVLRGFAWEAGPAEEG
;
_entity_poly.pdbx_strand_id   A,B
#
loop_
_chem_comp.id
_chem_comp.type
_chem_comp.name
_chem_comp.formula
SPD non-polymer SPERMIDINE 'C7 H19 N3'
#
# COMPACT_ATOMS: atom_id res chain seq x y z
N MET A 1 -5.72 32.19 13.95
CA MET A 1 -7.12 31.94 14.41
C MET A 1 -7.98 31.66 13.17
N VAL A 2 -8.86 30.66 13.24
CA VAL A 2 -9.81 30.29 12.14
C VAL A 2 -11.13 31.02 12.40
N SER A 3 -11.78 31.57 11.35
CA SER A 3 -13.04 32.34 11.51
C SER A 3 -14.15 31.42 12.00
N LEU A 4 -15.12 31.97 12.70
CA LEU A 4 -16.21 31.19 13.31
C LEU A 4 -17.02 30.51 12.20
N THR A 5 -17.26 31.18 11.07
CA THR A 5 -17.98 30.58 9.91
C THR A 5 -17.27 29.32 9.42
N GLU A 6 -15.95 29.40 9.23
CA GLU A 6 -15.13 28.26 8.73
C GLU A 6 -15.16 27.10 9.74
N ARG A 7 -15.09 27.39 11.05
CA ARG A 7 -15.15 26.34 12.11
C ARG A 7 -16.53 25.67 12.03
N ARG A 8 -17.60 26.45 11.85
CA ARG A 8 -18.96 25.86 11.76
C ARG A 8 -19.07 24.98 10.49
N LYS A 9 -18.55 25.45 9.35
CA LYS A 9 -18.57 24.69 8.07
C LYS A 9 -17.78 23.39 8.23
N ALA A 10 -16.64 23.43 8.91
CA ALA A 10 -15.77 22.26 9.11
C ALA A 10 -16.43 21.24 10.05
N GLU A 11 -17.13 21.68 11.10
CA GLU A 11 -17.97 20.77 11.94
C GLU A 11 -19.09 20.11 11.11
N THR A 12 -19.74 20.83 10.18
CA THR A 12 -20.87 20.29 9.38
C THR A 12 -20.32 19.14 8.51
N ARG A 13 -19.22 19.41 7.82
CA ARG A 13 -18.50 18.50 6.93
C ARG A 13 -18.16 17.23 7.69
N MET A 14 -17.63 17.35 8.91
CA MET A 14 -17.32 16.17 9.75
C MET A 14 -18.60 15.45 10.20
N GLU A 15 -19.69 16.16 10.44
CA GLU A 15 -20.98 15.50 10.84
C GLU A 15 -21.54 14.68 9.69
N ILE A 16 -21.43 15.19 8.48
CA ILE A 16 -21.82 14.46 7.25
C ILE A 16 -20.93 13.20 7.12
N ALA A 17 -19.60 13.33 7.28
CA ALA A 17 -18.67 12.21 7.13
C ALA A 17 -19.03 11.10 8.13
N ARG A 18 -19.26 11.47 9.38
CA ARG A 18 -19.61 10.52 10.46
C ARG A 18 -20.96 9.88 10.19
N ALA A 19 -21.92 10.59 9.60
CA ALA A 19 -23.24 10.03 9.27
C ALA A 19 -23.05 9.01 8.15
N ALA A 20 -22.17 9.32 7.19
CA ALA A 20 -21.87 8.37 6.09
C ALA A 20 -21.32 7.09 6.71
N ALA A 21 -20.29 7.18 7.56
CA ALA A 21 -19.72 6.00 8.25
C ALA A 21 -20.83 5.21 8.97
N ARG A 22 -21.69 5.88 9.75
CA ARG A 22 -22.73 5.24 10.59
C ARG A 22 -23.72 4.43 9.74
N LEU A 23 -24.13 4.97 8.61
CA LEU A 23 -25.07 4.28 7.70
C LEU A 23 -24.35 3.13 6.99
N PHE A 24 -23.14 3.36 6.48
CA PHE A 24 -22.39 2.29 5.78
C PHE A 24 -22.21 1.10 6.74
N VAL A 25 -21.97 1.37 8.02
CA VAL A 25 -21.85 0.34 9.08
C VAL A 25 -23.21 -0.33 9.31
N GLY A 26 -24.24 0.46 9.58
CA GLY A 26 -25.61 -0.05 9.84
C GLY A 26 -26.06 -0.98 8.72
N GLN A 27 -26.16 -0.42 7.50
CA GLN A 27 -26.94 -0.94 6.35
C GLN A 27 -26.09 -1.13 5.07
N GLY A 28 -24.78 -0.84 5.14
CA GLY A 28 -23.85 -1.00 4.01
C GLY A 28 -23.92 0.16 3.01
N LEU A 29 -23.04 0.09 2.02
CA LEU A 29 -22.85 1.14 1.00
C LEU A 29 -23.98 1.16 -0.03
N ARG A 30 -24.30 -0.02 -0.54
CA ARG A 30 -25.21 -0.17 -1.69
C ARG A 30 -26.60 0.41 -1.35
N ALA A 31 -27.13 0.15 -0.16
CA ALA A 31 -28.50 0.60 0.24
C ALA A 31 -28.47 2.10 0.58
N THR A 32 -27.30 2.71 0.80
CA THR A 32 -27.23 4.09 1.34
C THR A 32 -27.13 5.06 0.14
N ARG A 33 -27.96 6.09 0.13
CA ARG A 33 -27.90 7.18 -0.89
C ARG A 33 -27.41 8.47 -0.21
N ALA A 34 -26.90 9.40 -1.00
CA ALA A 34 -26.45 10.72 -0.51
C ALA A 34 -27.58 11.34 0.30
N GLU A 35 -28.82 11.19 -0.19
CA GLU A 35 -30.01 11.76 0.49
C GLU A 35 -30.16 11.16 1.89
N ASP A 36 -29.92 9.85 2.05
CA ASP A 36 -30.02 9.19 3.39
C ASP A 36 -28.94 9.79 4.31
N ILE A 37 -27.73 9.98 3.79
CA ILE A 37 -26.63 10.56 4.62
C ILE A 37 -27.03 11.99 5.03
N ALA A 38 -27.48 12.79 4.10
CA ALA A 38 -27.97 14.16 4.42
C ALA A 38 -29.00 14.14 5.56
N ARG A 39 -30.03 13.30 5.46
CA ARG A 39 -31.06 13.20 6.53
C ARG A 39 -30.38 12.76 7.83
N ALA A 40 -29.48 11.78 7.78
CA ALA A 40 -28.85 11.25 9.02
C ALA A 40 -28.01 12.35 9.68
N ALA A 41 -27.45 13.30 8.92
CA ALA A 41 -26.61 14.41 9.45
C ALA A 41 -27.47 15.65 9.77
N GLY A 42 -28.76 15.62 9.45
CA GLY A 42 -29.67 16.74 9.75
C GLY A 42 -29.46 17.92 8.81
N VAL A 43 -29.11 17.70 7.54
CA VAL A 43 -28.89 18.80 6.56
C VAL A 43 -29.68 18.49 5.28
N ALA A 44 -29.87 19.52 4.44
CA ALA A 44 -30.53 19.40 3.12
C ALA A 44 -29.58 18.71 2.15
N PRO A 45 -30.09 17.96 1.13
CA PRO A 45 -29.21 17.42 0.10
C PRO A 45 -28.30 18.47 -0.55
N ARG A 46 -28.79 19.71 -0.76
CA ARG A 46 -27.93 20.82 -1.27
C ARG A 46 -26.69 21.05 -0.38
N THR A 47 -26.82 20.94 0.93
CA THR A 47 -25.69 21.07 1.90
C THR A 47 -24.73 19.88 1.69
N PHE A 48 -25.26 18.66 1.61
CA PHE A 48 -24.43 17.48 1.31
C PHE A 48 -23.53 17.78 0.13
N TYR A 49 -24.13 18.22 -0.98
CA TYR A 49 -23.42 18.34 -2.26
C TYR A 49 -22.52 19.61 -2.25
N ARG A 50 -22.67 20.54 -1.28
CA ARG A 50 -21.69 21.64 -1.09
C ARG A 50 -20.32 21.04 -0.71
N TYR A 51 -20.28 19.91 0.01
CA TYR A 51 -19.02 19.35 0.55
C TYR A 51 -18.59 18.12 -0.24
N PHE A 52 -19.52 17.31 -0.73
CA PHE A 52 -19.17 15.98 -1.30
C PHE A 52 -19.91 15.77 -2.61
N ALA A 53 -19.23 15.24 -3.62
CA ALA A 53 -19.83 14.93 -4.93
C ALA A 53 -20.52 13.57 -4.88
N THR A 54 -20.13 12.67 -3.96
CA THR A 54 -20.67 11.30 -3.89
C THR A 54 -20.68 10.83 -2.45
N LYS A 55 -21.40 9.75 -2.20
CA LYS A 55 -21.45 9.13 -0.85
C LYS A 55 -20.06 8.63 -0.46
N GLU A 56 -19.29 8.08 -1.38
CA GLU A 56 -17.92 7.56 -1.07
C GLU A 56 -17.00 8.72 -0.64
N GLU A 57 -17.07 9.85 -1.32
CA GLU A 57 -16.29 11.06 -0.93
C GLU A 57 -16.65 11.50 0.50
N ALA A 58 -17.90 11.31 0.93
CA ALA A 58 -18.36 11.73 2.26
C ALA A 58 -17.62 10.95 3.34
N VAL A 59 -17.28 9.67 3.16
CA VAL A 59 -16.56 8.95 4.25
C VAL A 59 -15.05 9.15 4.06
N ALA A 60 -14.61 9.56 2.87
CA ALA A 60 -13.18 9.61 2.51
C ALA A 60 -12.38 10.37 3.57
N PRO A 61 -12.83 11.49 4.13
CA PRO A 61 -12.04 12.19 5.13
C PRO A 61 -11.74 11.38 6.39
N LEU A 62 -12.56 10.39 6.77
CA LEU A 62 -12.29 9.66 8.04
C LEU A 62 -11.02 8.79 7.94
N TYR A 63 -10.82 8.09 6.82
CA TYR A 63 -9.56 7.36 6.53
C TYR A 63 -8.36 8.30 6.74
N ALA A 64 -8.39 9.49 6.14
CA ALA A 64 -7.25 10.43 6.12
C ALA A 64 -7.02 10.99 7.54
N LEU A 65 -8.10 11.23 8.27
CA LEU A 65 -7.99 11.95 9.58
C LEU A 65 -7.19 11.08 10.56
N GLY A 66 -7.52 9.79 10.65
CA GLY A 66 -6.87 8.90 11.62
C GLY A 66 -5.39 8.78 11.28
N ALA A 67 -5.08 8.63 9.99
CA ALA A 67 -3.72 8.45 9.45
C ALA A 67 -2.89 9.69 9.82
N GLU A 68 -3.44 10.86 9.56
CA GLU A 68 -2.74 12.14 9.77
C GLU A 68 -2.47 12.41 11.26
N ARG A 69 -3.45 12.10 12.12
CA ARG A 69 -3.29 12.27 13.59
C ARG A 69 -2.18 11.33 14.11
N TRP A 70 -2.10 10.09 13.62
CA TRP A 70 -1.04 9.13 13.97
C TRP A 70 0.32 9.71 13.57
N VAL A 71 0.44 10.16 12.32
CA VAL A 71 1.72 10.67 11.83
C VAL A 71 2.13 11.86 12.69
N ARG A 72 1.18 12.73 13.04
CA ARG A 72 1.53 13.95 13.80
C ARG A 72 2.02 13.57 15.21
N ALA A 73 1.39 12.57 15.83
CA ALA A 73 1.74 12.09 17.19
C ALA A 73 3.13 11.44 17.16
N VAL A 74 3.54 10.87 16.03
CA VAL A 74 4.91 10.31 15.90
C VAL A 74 5.90 11.49 15.94
N ARG A 75 5.66 12.55 15.17
CA ARG A 75 6.56 13.73 15.08
C ARG A 75 6.67 14.40 16.46
N GLU A 76 5.54 14.57 17.13
CA GLU A 76 5.42 15.40 18.36
C GLU A 76 5.75 14.58 19.62
N ALA A 77 5.97 13.24 19.53
CA ALA A 77 6.33 12.46 20.74
C ALA A 77 7.56 13.07 21.41
N PRO A 78 7.69 12.98 22.76
CA PRO A 78 8.91 13.49 23.41
C PRO A 78 10.20 13.08 22.67
N ALA A 79 11.08 14.07 22.46
CA ALA A 79 12.27 14.00 21.59
C ALA A 79 13.24 12.88 21.98
N GLU A 80 13.35 12.53 23.26
CA GLU A 80 14.32 11.50 23.72
C GLU A 80 13.82 10.10 23.35
N LEU A 81 12.55 9.91 22.97
CA LEU A 81 12.07 8.54 22.62
C LEU A 81 12.74 8.06 21.32
N SER A 82 13.11 6.78 21.27
CA SER A 82 13.56 6.06 20.06
C SER A 82 12.44 6.03 19.02
N PRO A 83 12.76 5.86 17.72
CA PRO A 83 11.72 5.75 16.68
C PRO A 83 10.68 4.68 17.01
N PRO A 84 11.05 3.43 17.45
CA PRO A 84 10.02 2.45 17.76
C PRO A 84 9.11 2.88 18.92
N GLU A 85 9.68 3.53 19.96
CA GLU A 85 8.92 4.04 21.11
C GLU A 85 7.94 5.13 20.66
N ALA A 86 8.40 6.04 19.80
CA ALA A 86 7.56 7.15 19.30
C ALA A 86 6.42 6.54 18.46
N LEU A 87 6.75 5.58 17.59
CA LEU A 87 5.74 4.95 16.69
C LEU A 87 4.69 4.23 17.54
N GLU A 88 5.13 3.54 18.61
CA GLU A 88 4.23 2.70 19.42
C GLU A 88 3.42 3.64 20.29
N ARG A 89 4.06 4.65 20.85
CA ARG A 89 3.33 5.63 21.67
C ARG A 89 2.22 6.26 20.83
N ALA A 90 2.56 6.79 19.66
CA ALA A 90 1.60 7.45 18.75
C ALA A 90 0.43 6.50 18.42
N VAL A 91 0.69 5.22 18.16
CA VAL A 91 -0.41 4.23 17.90
C VAL A 91 -1.36 4.15 19.11
N ARG A 92 -0.81 3.97 20.30
CA ARG A 92 -1.64 3.82 21.54
C ARG A 92 -2.47 5.09 21.75
N HIS A 93 -1.86 6.25 21.51
CA HIS A 93 -2.45 7.57 21.82
C HIS A 93 -3.50 7.95 20.78
N THR A 94 -3.45 7.48 19.53
CA THR A 94 -4.32 8.09 18.47
C THR A 94 -5.21 7.06 17.77
N LEU A 95 -4.94 5.75 17.85
CA LEU A 95 -5.67 4.73 17.03
C LEU A 95 -6.40 3.75 17.94
N THR A 96 -6.68 4.14 19.19
CA THR A 96 -7.49 3.39 20.19
C THR A 96 -8.75 4.20 20.45
N PRO A 97 -9.97 3.61 20.38
CA PRO A 97 -11.22 4.40 20.31
C PRO A 97 -11.30 5.54 21.34
N ALA A 103 -11.20 9.69 17.54
CA ALA A 103 -10.65 8.32 17.74
C ALA A 103 -11.59 7.29 17.09
N PRO A 104 -11.06 6.28 16.36
CA PRO A 104 -11.91 5.32 15.65
C PRO A 104 -12.55 4.23 16.53
N SER A 105 -13.89 4.12 16.52
CA SER A 105 -14.68 3.00 17.09
C SER A 105 -14.36 1.72 16.32
N TRP A 106 -14.35 0.54 16.97
CA TRP A 106 -13.85 -0.72 16.36
C TRP A 106 -14.85 -1.22 15.31
N GLU A 107 -16.14 -1.19 15.61
CA GLU A 107 -17.23 -1.58 14.68
C GLU A 107 -17.14 -0.74 13.39
N TRP A 108 -16.84 0.56 13.49
N TRP A 108 -16.85 0.56 13.50
CA TRP A 108 -16.67 1.48 12.31
CA TRP A 108 -16.63 1.51 12.37
C TRP A 108 -15.40 1.09 11.54
C TRP A 108 -15.40 1.09 11.56
N ALA A 109 -14.27 0.94 12.23
CA ALA A 109 -12.98 0.61 11.59
C ALA A 109 -13.14 -0.69 10.81
N ARG A 110 -13.78 -1.70 11.44
CA ARG A 110 -13.94 -3.02 10.77
C ARG A 110 -14.64 -2.79 9.43
N THR A 111 -15.78 -2.11 9.45
CA THR A 111 -16.63 -1.91 8.25
C THR A 111 -15.87 -1.05 7.23
N LEU A 112 -15.26 0.05 7.66
CA LEU A 112 -14.54 0.96 6.73
C LEU A 112 -13.35 0.24 6.11
N ILE A 113 -12.59 -0.50 6.91
CA ILE A 113 -11.43 -1.25 6.34
C ILE A 113 -12.01 -2.25 5.33
N ARG A 114 -13.06 -2.99 5.68
CA ARG A 114 -13.69 -3.95 4.72
C ARG A 114 -14.14 -3.22 3.44
N LEU A 115 -14.69 -2.00 3.54
CA LEU A 115 -15.18 -1.27 2.34
C LEU A 115 -14.01 -0.86 1.45
N ALA A 116 -12.85 -0.53 2.05
CA ALA A 116 -11.58 -0.26 1.33
C ALA A 116 -11.22 -1.45 0.42
N GLU A 117 -11.58 -2.68 0.78
CA GLU A 117 -11.39 -3.90 -0.06
C GLU A 117 -12.58 -4.08 -1.04
N SER A 118 -13.82 -3.84 -0.61
CA SER A 118 -15.06 -4.15 -1.41
C SER A 118 -15.38 -3.06 -2.43
N SER A 119 -15.35 -1.78 -2.07
CA SER A 119 -15.75 -0.64 -2.95
C SER A 119 -14.58 -0.15 -3.80
N PRO A 120 -14.70 -0.15 -5.15
CA PRO A 120 -13.71 0.47 -6.01
C PRO A 120 -13.33 1.88 -5.58
N ALA A 121 -14.30 2.77 -5.41
CA ALA A 121 -14.04 4.17 -5.01
C ALA A 121 -13.22 4.20 -3.70
N LEU A 122 -13.54 3.37 -2.70
CA LEU A 122 -12.90 3.44 -1.37
C LEU A 122 -11.56 2.69 -1.40
N ARG A 123 -11.41 1.70 -2.28
CA ARG A 123 -10.09 1.06 -2.53
C ARG A 123 -9.08 2.16 -2.88
N LYS A 124 -9.44 3.06 -3.78
CA LYS A 124 -8.55 4.16 -4.21
C LYS A 124 -8.29 5.14 -3.05
N VAL A 125 -9.32 5.45 -2.25
CA VAL A 125 -9.15 6.37 -1.08
C VAL A 125 -8.16 5.74 -0.10
N TRP A 126 -8.32 4.45 0.21
CA TRP A 126 -7.45 3.72 1.15
C TRP A 126 -6.03 3.68 0.64
N ALA A 127 -5.85 3.44 -0.66
CA ALA A 127 -4.52 3.45 -1.33
C ALA A 127 -3.84 4.82 -1.15
N GLU A 128 -4.60 5.89 -1.37
CA GLU A 128 -4.10 7.28 -1.31
C GLU A 128 -3.66 7.62 0.11
N VAL A 129 -4.44 7.19 1.09
CA VAL A 129 -4.11 7.38 2.52
C VAL A 129 -2.84 6.58 2.88
N CYS A 130 -2.75 5.31 2.49
CA CYS A 130 -1.56 4.46 2.74
C CYS A 130 -0.30 5.17 2.17
N HIS A 131 -0.38 5.65 0.95
CA HIS A 131 0.76 6.34 0.30
C HIS A 131 1.09 7.65 1.05
N SER A 132 0.10 8.45 1.41
CA SER A 132 0.46 9.76 2.01
C SER A 132 0.91 9.52 3.47
N THR A 133 0.47 8.44 4.12
CA THR A 133 0.91 8.12 5.49
C THR A 133 2.39 7.73 5.43
N GLU A 134 2.78 6.94 4.45
CA GLU A 134 4.20 6.49 4.25
C GLU A 134 5.09 7.74 4.08
N ARG A 135 4.70 8.64 3.19
CA ARG A 135 5.41 9.92 2.93
C ARG A 135 5.47 10.75 4.21
N GLY A 136 4.35 10.89 4.92
CA GLY A 136 4.30 11.61 6.21
C GLY A 136 5.22 10.98 7.26
N LEU A 137 5.29 9.65 7.33
CA LEU A 137 6.14 8.97 8.35
C LEU A 137 7.60 9.25 8.01
N VAL A 138 7.95 9.22 6.72
CA VAL A 138 9.32 9.62 6.25
C VAL A 138 9.64 11.01 6.80
N GLN A 139 8.76 11.99 6.58
CA GLN A 139 8.97 13.35 7.08
C GLN A 139 9.01 13.38 8.61
N ALA A 140 8.15 12.67 9.32
CA ALA A 140 8.17 12.66 10.80
C ALA A 140 9.45 12.00 11.32
N LEU A 141 9.85 10.85 10.77
CA LEU A 141 11.13 10.20 11.19
C LEU A 141 12.33 11.13 10.90
N ALA A 142 12.38 11.76 9.73
CA ALA A 142 13.48 12.70 9.37
C ALA A 142 13.54 13.86 10.37
N ALA A 143 12.41 14.44 10.76
CA ALA A 143 12.36 15.51 11.78
C ALA A 143 12.83 14.96 13.14
N ARG A 144 12.44 13.77 13.55
CA ARG A 144 12.90 13.23 14.87
C ARG A 144 14.42 13.00 14.88
N MET A 145 15.07 12.86 13.75
CA MET A 145 16.51 12.48 13.74
C MET A 145 17.40 13.68 13.32
N SER A 146 16.82 14.82 12.93
CA SER A 146 17.58 15.90 12.27
C SER A 146 18.19 16.84 13.31
N GLY A 147 17.79 16.76 14.59
CA GLY A 147 18.23 17.67 15.66
C GLY A 147 17.99 19.14 15.30
N GLY A 148 16.95 19.43 14.49
CA GLY A 148 16.55 20.78 14.05
C GLY A 148 17.26 21.23 12.76
N ASP A 149 18.22 20.47 12.26
CA ASP A 149 19.02 20.91 11.09
C ASP A 149 18.22 20.59 9.81
N ASP A 150 17.72 21.61 9.09
CA ASP A 150 16.86 21.44 7.90
C ASP A 150 17.59 20.65 6.80
N ASN A 151 18.90 20.86 6.63
CA ASN A 151 19.65 20.20 5.53
C ASN A 151 19.87 18.73 5.91
N VAL A 152 19.97 18.43 7.20
CA VAL A 152 20.06 17.02 7.69
C VAL A 152 18.68 16.36 7.45
N ALA A 153 17.58 16.99 7.86
CA ALA A 153 16.19 16.52 7.59
C ALA A 153 15.98 16.20 6.10
N VAL A 154 16.49 17.01 5.18
CA VAL A 154 16.34 16.76 3.70
C VAL A 154 17.13 15.51 3.31
N ARG A 155 18.37 15.35 3.77
CA ARG A 155 19.22 14.18 3.40
C ARG A 155 18.54 12.89 3.94
N LEU A 156 18.07 12.92 5.18
CA LEU A 156 17.40 11.76 5.82
C LEU A 156 16.11 11.42 5.07
N ALA A 157 15.29 12.39 4.68
CA ALA A 157 14.02 12.10 3.97
C ALA A 157 14.29 11.59 2.56
N ALA A 158 15.53 11.72 2.05
CA ALA A 158 15.92 11.13 0.75
C ALA A 158 16.44 9.70 0.92
N SER A 159 16.75 9.29 2.15
CA SER A 159 17.44 8.00 2.50
C SER A 159 16.55 6.80 2.15
N PRO A 160 17.04 5.77 1.43
CA PRO A 160 16.23 4.57 1.22
C PRO A 160 15.99 3.86 2.56
N ARG A 161 16.87 4.02 3.55
CA ARG A 161 16.68 3.40 4.90
C ARG A 161 15.42 3.99 5.54
N LEU A 162 15.19 5.30 5.45
CA LEU A 162 13.95 5.89 6.04
C LEU A 162 12.71 5.47 5.24
N HIS A 163 12.79 5.45 3.91
CA HIS A 163 11.69 5.02 3.03
C HIS A 163 11.29 3.60 3.46
N PHE A 164 12.27 2.69 3.63
CA PHE A 164 11.97 1.31 4.03
C PHE A 164 11.35 1.29 5.45
N ALA A 165 11.96 1.97 6.43
CA ALA A 165 11.44 2.01 7.83
C ALA A 165 10.00 2.51 7.85
N ALA A 166 9.67 3.53 7.06
CA ALA A 166 8.31 4.09 6.99
C ALA A 166 7.33 3.05 6.39
N ALA A 167 7.74 2.35 5.36
CA ALA A 167 6.90 1.30 4.72
C ALA A 167 6.63 0.19 5.76
N VAL A 168 7.64 -0.15 6.58
CA VAL A 168 7.48 -1.20 7.62
C VAL A 168 6.53 -0.69 8.71
N ALA A 169 6.74 0.54 9.16
CA ALA A 169 5.83 1.16 10.16
C ALA A 169 4.40 1.18 9.64
N GLY A 170 4.21 1.62 8.39
CA GLY A 170 2.86 1.68 7.81
C GLY A 170 2.25 0.29 7.70
N ALA A 171 3.01 -0.69 7.19
CA ALA A 171 2.57 -2.09 7.03
C ALA A 171 2.22 -2.69 8.39
N SER A 172 2.94 -2.29 9.45
CA SER A 172 2.68 -2.75 10.84
C SER A 172 1.22 -2.49 11.22
N VAL A 173 0.72 -1.30 10.95
CA VAL A 173 -0.65 -0.86 11.33
C VAL A 173 -1.62 -1.36 10.25
N ARG A 174 -1.26 -1.23 8.97
CA ARG A 174 -2.17 -1.59 7.85
C ARG A 174 -2.49 -3.09 7.91
N VAL A 175 -1.46 -3.94 7.97
CA VAL A 175 -1.64 -5.42 7.92
C VAL A 175 -2.44 -5.85 9.16
N ALA A 176 -2.14 -5.27 10.32
CA ALA A 176 -2.89 -5.52 11.57
C ALA A 176 -4.35 -5.24 11.27
N ALA A 177 -4.66 -4.05 10.76
CA ALA A 177 -6.04 -3.55 10.48
C ALA A 177 -6.74 -4.42 9.43
N GLU A 178 -6.17 -4.57 8.23
CA GLU A 178 -6.76 -5.33 7.09
C GLU A 178 -7.00 -6.77 7.52
N HIS A 179 -6.00 -7.39 8.15
CA HIS A 179 -6.12 -8.82 8.56
C HIS A 179 -7.16 -8.97 9.67
N TRP A 180 -7.16 -8.06 10.65
CA TRP A 180 -8.19 -8.02 11.73
C TRP A 180 -9.59 -7.87 11.09
N ALA A 181 -9.76 -6.96 10.13
CA ALA A 181 -11.08 -6.63 9.51
C ALA A 181 -11.63 -7.87 8.77
N SER A 182 -10.77 -8.65 8.14
CA SER A 182 -11.21 -9.76 7.24
C SER A 182 -11.38 -11.08 8.02
N SER A 183 -10.92 -11.17 9.30
CA SER A 183 -10.90 -12.43 10.12
C SER A 183 -11.72 -12.27 11.42
N SER A 184 -12.73 -13.12 11.63
CA SER A 184 -13.78 -13.03 12.68
C SER A 184 -13.17 -13.07 14.09
N ALA A 188 -10.22 -11.87 17.25
CA ALA A 188 -9.13 -10.91 17.56
C ALA A 188 -9.64 -9.84 18.56
N ARG A 189 -10.49 -8.91 18.11
CA ARG A 189 -11.10 -7.81 18.91
C ARG A 189 -10.15 -6.60 18.99
N SER A 190 -8.82 -6.84 19.06
CA SER A 190 -7.75 -5.85 19.36
C SER A 190 -6.71 -5.84 18.25
N PRO A 191 -6.96 -5.11 17.13
CA PRO A 191 -5.94 -4.89 16.10
C PRO A 191 -4.72 -4.15 16.69
N LEU A 192 -4.95 -3.35 17.74
CA LEU A 192 -3.91 -2.56 18.48
C LEU A 192 -2.71 -3.46 18.80
N GLU A 193 -2.95 -4.52 19.56
CA GLU A 193 -1.91 -5.46 20.05
C GLU A 193 -1.06 -5.95 18.88
N GLN A 194 -1.71 -6.39 17.81
CA GLN A 194 -0.99 -6.95 16.64
C GLN A 194 -0.11 -5.84 16.04
N ALA A 195 -0.63 -4.63 15.99
CA ALA A 195 0.06 -3.45 15.37
C ALA A 195 1.33 -3.15 16.17
N LEU A 196 1.23 -3.16 17.50
CA LEU A 196 2.36 -2.90 18.42
C LEU A 196 3.41 -4.01 18.26
N LEU A 197 2.98 -5.26 18.19
CA LEU A 197 3.90 -6.42 18.02
C LEU A 197 4.62 -6.26 16.69
N ASN A 198 3.89 -5.89 15.63
CA ASN A 198 4.47 -5.66 14.29
C ASN A 198 5.55 -4.59 14.41
N LEU A 199 5.24 -3.47 15.07
CA LEU A 199 6.17 -2.32 15.18
C LEU A 199 7.48 -2.71 15.88
N GLU A 200 7.46 -3.75 16.72
CA GLU A 200 8.66 -4.20 17.48
C GLU A 200 9.74 -4.63 16.49
N VAL A 201 9.38 -5.01 15.26
CA VAL A 201 10.39 -5.42 14.25
C VAL A 201 11.38 -4.28 13.93
N LEU A 202 11.05 -3.02 14.22
CA LEU A 202 11.97 -1.89 13.96
C LEU A 202 12.94 -1.65 15.11
N ARG A 203 12.85 -2.39 16.21
CA ARG A 203 13.88 -2.27 17.31
C ARG A 203 15.24 -2.69 16.77
N GLY A 204 16.23 -1.82 16.95
CA GLY A 204 17.61 -2.03 16.50
C GLY A 204 17.81 -1.84 15.01
N PHE A 205 16.86 -1.23 14.32
CA PHE A 205 16.99 -0.92 12.88
C PHE A 205 18.27 -0.10 12.64
N ALA A 206 18.95 -0.35 11.52
CA ALA A 206 20.22 0.33 11.18
C ALA A 206 19.91 1.49 10.27
N TRP A 207 19.79 2.69 10.85
CA TRP A 207 19.37 3.91 10.13
C TRP A 207 20.46 4.31 9.10
N GLU A 208 21.68 3.78 9.19
CA GLU A 208 22.83 4.17 8.33
C GLU A 208 23.60 2.94 7.78
N ALA A 209 23.05 1.74 7.79
CA ALA A 209 23.66 0.59 7.09
C ALA A 209 23.70 0.88 5.58
N THR B 5 -8.23 -20.01 -26.70
CA THR B 5 -9.09 -18.80 -26.65
C THR B 5 -8.62 -17.86 -25.51
N GLU B 6 -8.50 -18.39 -24.29
CA GLU B 6 -7.98 -17.64 -23.10
C GLU B 6 -6.49 -17.31 -23.33
N ARG B 7 -5.72 -18.21 -23.94
CA ARG B 7 -4.29 -17.97 -24.33
C ARG B 7 -4.25 -16.79 -25.31
N ARG B 8 -5.13 -16.76 -26.31
CA ARG B 8 -5.22 -15.66 -27.29
C ARG B 8 -5.57 -14.35 -26.57
N LYS B 9 -6.55 -14.36 -25.65
CA LYS B 9 -6.98 -13.16 -24.88
C LYS B 9 -5.81 -12.64 -24.05
N ALA B 10 -5.04 -13.54 -23.41
CA ALA B 10 -3.92 -13.18 -22.52
C ALA B 10 -2.77 -12.61 -23.35
N GLU B 11 -2.49 -13.15 -24.54
CA GLU B 11 -1.51 -12.57 -25.50
C GLU B 11 -1.94 -11.15 -25.92
N THR B 12 -3.23 -10.91 -26.18
CA THR B 12 -3.74 -9.58 -26.61
C THR B 12 -3.49 -8.57 -25.47
N ARG B 13 -3.90 -8.93 -24.26
N ARG B 13 -3.88 -8.97 -24.25
CA ARG B 13 -3.70 -8.15 -23.01
CA ARG B 13 -3.74 -8.21 -22.98
C ARG B 13 -2.22 -7.75 -22.88
C ARG B 13 -2.27 -7.84 -22.73
N MET B 14 -1.30 -8.67 -23.13
CA MET B 14 0.15 -8.39 -22.99
C MET B 14 0.60 -7.52 -24.17
N GLU B 15 0.02 -7.67 -25.37
CA GLU B 15 0.41 -6.85 -26.55
C GLU B 15 -0.02 -5.38 -26.30
N ILE B 16 -1.19 -5.20 -25.70
CA ILE B 16 -1.72 -3.87 -25.29
C ILE B 16 -0.76 -3.27 -24.27
N ALA B 17 -0.33 -4.05 -23.27
CA ALA B 17 0.52 -3.55 -22.17
C ALA B 17 1.85 -3.07 -22.76
N ARG B 18 2.47 -3.88 -23.64
CA ARG B 18 3.75 -3.55 -24.29
C ARG B 18 3.61 -2.31 -25.18
N ALA B 19 2.49 -2.13 -25.86
CA ALA B 19 2.22 -0.90 -26.66
C ALA B 19 2.15 0.32 -25.74
N ALA B 20 1.42 0.18 -24.63
CA ALA B 20 1.27 1.24 -23.64
C ALA B 20 2.67 1.60 -23.13
N ALA B 21 3.47 0.62 -22.68
CA ALA B 21 4.82 0.89 -22.15
C ALA B 21 5.64 1.67 -23.18
N ARG B 22 5.65 1.23 -24.43
CA ARG B 22 6.45 1.84 -25.53
C ARG B 22 6.10 3.33 -25.71
N LEU B 23 4.82 3.66 -25.71
CA LEU B 23 4.36 5.05 -25.87
C LEU B 23 4.69 5.88 -24.62
N PHE B 24 4.37 5.36 -23.43
CA PHE B 24 4.61 6.09 -22.16
C PHE B 24 6.09 6.46 -22.08
N VAL B 25 6.97 5.50 -22.45
CA VAL B 25 8.43 5.69 -22.46
C VAL B 25 8.81 6.72 -23.52
N GLY B 26 8.35 6.55 -24.77
CA GLY B 26 8.74 7.39 -25.92
C GLY B 26 8.21 8.82 -25.87
N GLN B 27 7.01 9.08 -25.34
CA GLN B 27 6.36 10.41 -25.43
C GLN B 27 5.68 10.79 -24.10
N GLY B 28 5.69 9.91 -23.11
CA GLY B 28 5.09 10.16 -21.78
C GLY B 28 3.60 9.90 -21.75
N LEU B 29 3.03 9.99 -20.56
CA LEU B 29 1.59 9.68 -20.30
C LEU B 29 0.65 10.70 -20.89
N ARG B 30 0.91 11.99 -20.69
CA ARG B 30 -0.10 12.99 -21.10
C ARG B 30 -0.30 12.98 -22.61
N ALA B 31 0.74 12.75 -23.42
CA ALA B 31 0.61 12.74 -24.90
C ALA B 31 -0.05 11.44 -25.37
N THR B 32 -0.20 10.43 -24.49
CA THR B 32 -0.73 9.10 -24.89
C THR B 32 -2.20 9.01 -24.47
N ARG B 33 -3.09 8.71 -25.39
CA ARG B 33 -4.49 8.41 -25.06
C ARG B 33 -4.68 6.90 -25.17
N ALA B 34 -5.70 6.39 -24.47
CA ALA B 34 -6.11 5.00 -24.59
C ALA B 34 -6.27 4.67 -26.09
N GLU B 35 -6.84 5.60 -26.87
CA GLU B 35 -7.06 5.28 -28.30
C GLU B 35 -5.72 5.12 -29.04
N ASP B 36 -4.67 5.83 -28.67
CA ASP B 36 -3.32 5.70 -29.29
C ASP B 36 -2.76 4.34 -28.93
N ILE B 37 -2.93 3.93 -27.66
CA ILE B 37 -2.46 2.60 -27.23
C ILE B 37 -3.15 1.54 -28.06
N ALA B 38 -4.47 1.66 -28.18
CA ALA B 38 -5.27 0.70 -28.99
C ALA B 38 -4.72 0.61 -30.43
N ARG B 39 -4.52 1.74 -31.11
CA ARG B 39 -3.97 1.73 -32.48
C ARG B 39 -2.59 1.08 -32.50
N ALA B 40 -1.71 1.38 -31.53
CA ALA B 40 -0.34 0.82 -31.55
C ALA B 40 -0.41 -0.70 -31.34
N ALA B 41 -1.42 -1.21 -30.64
CA ALA B 41 -1.60 -2.65 -30.38
C ALA B 41 -2.42 -3.31 -31.48
N GLY B 42 -2.98 -2.54 -32.41
CA GLY B 42 -3.78 -3.11 -33.51
C GLY B 42 -5.15 -3.60 -33.03
N VAL B 43 -5.77 -2.96 -32.03
CA VAL B 43 -7.13 -3.34 -31.56
C VAL B 43 -8.01 -2.10 -31.54
N ALA B 44 -9.32 -2.29 -31.53
CA ALA B 44 -10.32 -1.20 -31.49
C ALA B 44 -10.36 -0.63 -30.06
N PRO B 45 -10.70 0.65 -29.85
CA PRO B 45 -10.89 1.18 -28.49
C PRO B 45 -11.81 0.33 -27.61
N ARG B 46 -12.84 -0.31 -28.17
CA ARG B 46 -13.79 -1.17 -27.41
C ARG B 46 -13.04 -2.37 -26.82
N THR B 47 -12.09 -2.94 -27.58
CA THR B 47 -11.22 -4.05 -27.12
C THR B 47 -10.35 -3.53 -25.97
N PHE B 48 -9.73 -2.35 -26.13
CA PHE B 48 -8.88 -1.79 -25.06
C PHE B 48 -9.68 -1.79 -23.77
N TYR B 49 -10.89 -1.23 -23.81
CA TYR B 49 -11.68 -0.98 -22.58
C TYR B 49 -12.31 -2.29 -22.07
N ARG B 50 -12.31 -3.36 -22.86
CA ARG B 50 -12.68 -4.72 -22.38
C ARG B 50 -11.65 -5.20 -21.34
N TYR B 51 -10.38 -4.80 -21.47
CA TYR B 51 -9.27 -5.28 -20.61
C TYR B 51 -8.85 -4.24 -19.58
N PHE B 52 -8.94 -2.94 -19.89
CA PHE B 52 -8.39 -1.89 -18.99
C PHE B 52 -9.36 -0.74 -18.88
N ALA B 53 -9.60 -0.24 -17.66
CA ALA B 53 -10.53 0.87 -17.38
C ALA B 53 -9.90 2.21 -17.76
N THR B 54 -8.57 2.29 -17.74
CA THR B 54 -7.81 3.54 -18.01
C THR B 54 -6.52 3.19 -18.72
N LYS B 55 -5.89 4.21 -19.31
CA LYS B 55 -4.60 3.95 -20.00
C LYS B 55 -3.56 3.44 -18.98
N GLU B 56 -3.52 3.99 -17.76
CA GLU B 56 -2.46 3.60 -16.77
C GLU B 56 -2.59 2.13 -16.41
N GLU B 57 -3.80 1.63 -16.29
CA GLU B 57 -4.05 0.21 -15.97
C GLU B 57 -3.45 -0.70 -17.03
N ALA B 58 -3.25 -0.24 -18.27
CA ALA B 58 -2.66 -1.08 -19.34
C ALA B 58 -1.25 -1.56 -18.98
N VAL B 59 -0.48 -0.91 -18.12
CA VAL B 59 0.91 -1.42 -17.84
C VAL B 59 0.94 -2.35 -16.61
N ALA B 60 -0.16 -2.57 -15.93
CA ALA B 60 -0.24 -3.53 -14.78
C ALA B 60 0.36 -4.88 -15.14
N PRO B 61 0.09 -5.47 -16.33
CA PRO B 61 0.60 -6.81 -16.60
C PRO B 61 2.13 -6.86 -16.71
N LEU B 62 2.77 -5.75 -17.04
CA LEU B 62 4.25 -5.71 -17.10
C LEU B 62 4.80 -5.63 -15.66
N TYR B 63 4.28 -4.76 -14.81
CA TYR B 63 4.67 -4.79 -13.38
C TYR B 63 4.37 -6.18 -12.81
N ALA B 64 3.22 -6.79 -13.13
CA ALA B 64 2.80 -8.09 -12.58
C ALA B 64 3.76 -9.21 -13.01
N LEU B 65 4.41 -9.13 -14.17
CA LEU B 65 5.43 -10.13 -14.59
C LEU B 65 6.55 -10.28 -13.55
N GLY B 66 7.18 -9.16 -13.21
CA GLY B 66 8.30 -9.14 -12.25
C GLY B 66 7.85 -9.66 -10.90
N ALA B 67 6.69 -9.20 -10.45
CA ALA B 67 6.08 -9.55 -9.15
C ALA B 67 5.88 -11.08 -9.07
N GLU B 68 5.29 -11.64 -10.11
CA GLU B 68 4.90 -13.08 -10.13
C GLU B 68 6.14 -13.94 -10.27
N ARG B 69 7.17 -13.51 -11.02
CA ARG B 69 8.49 -14.21 -11.08
C ARG B 69 9.09 -14.30 -9.67
N TRP B 70 9.04 -13.23 -8.89
CA TRP B 70 9.58 -13.23 -7.52
C TRP B 70 8.77 -14.20 -6.66
N VAL B 71 7.44 -14.08 -6.68
CA VAL B 71 6.59 -14.99 -5.88
C VAL B 71 6.87 -16.45 -6.30
N ARG B 72 7.02 -16.71 -7.60
CA ARG B 72 7.24 -18.11 -8.08
C ARG B 72 8.60 -18.64 -7.61
N ALA B 73 9.63 -17.81 -7.57
CA ALA B 73 11.00 -18.18 -7.12
C ALA B 73 10.96 -18.49 -5.61
N VAL B 74 10.06 -17.85 -4.88
CA VAL B 74 9.88 -18.19 -3.44
C VAL B 74 9.36 -19.62 -3.36
N ARG B 75 8.32 -19.96 -4.12
CA ARG B 75 7.65 -21.28 -4.00
C ARG B 75 8.62 -22.37 -4.48
N GLU B 76 9.38 -22.11 -5.55
CA GLU B 76 10.26 -23.11 -6.21
C GLU B 76 11.64 -23.20 -5.54
N ALA B 77 11.98 -22.34 -4.58
CA ALA B 77 13.31 -22.37 -3.92
C ALA B 77 13.55 -23.76 -3.35
N PRO B 78 14.81 -24.27 -3.29
CA PRO B 78 15.03 -25.60 -2.69
C PRO B 78 14.23 -25.80 -1.39
N ALA B 79 13.50 -26.92 -1.30
CA ALA B 79 12.48 -27.21 -0.25
C ALA B 79 13.05 -27.10 1.18
N GLU B 80 14.31 -27.45 1.42
CA GLU B 80 14.88 -27.46 2.79
C GLU B 80 15.14 -26.04 3.28
N LEU B 81 15.18 -25.02 2.40
CA LEU B 81 15.51 -23.63 2.83
C LEU B 81 14.38 -23.09 3.72
N SER B 82 14.74 -22.33 4.75
CA SER B 82 13.80 -21.67 5.70
C SER B 82 13.10 -20.55 4.94
N PRO B 83 11.96 -19.99 5.44
CA PRO B 83 11.33 -18.84 4.79
C PRO B 83 12.30 -17.70 4.52
N PRO B 84 13.12 -17.20 5.47
CA PRO B 84 14.03 -16.12 5.15
C PRO B 84 15.07 -16.50 4.07
N GLU B 85 15.58 -17.75 4.10
CA GLU B 85 16.51 -18.26 3.06
C GLU B 85 15.80 -18.35 1.70
N ALA B 86 14.54 -18.78 1.67
CA ALA B 86 13.71 -18.83 0.43
C ALA B 86 13.54 -17.41 -0.10
N LEU B 87 13.23 -16.46 0.78
CA LEU B 87 13.02 -15.05 0.35
C LEU B 87 14.33 -14.51 -0.21
N GLU B 88 15.47 -14.83 0.45
CA GLU B 88 16.79 -14.34 0.00
C GLU B 88 17.12 -15.00 -1.35
N ARG B 89 16.96 -16.31 -1.43
CA ARG B 89 17.20 -17.07 -2.69
C ARG B 89 16.37 -16.43 -3.81
N ALA B 90 15.06 -16.28 -3.62
CA ALA B 90 14.12 -15.70 -4.62
C ALA B 90 14.58 -14.31 -5.08
N VAL B 91 15.01 -13.45 -4.16
CA VAL B 91 15.54 -12.09 -4.50
C VAL B 91 16.78 -12.23 -5.39
N ARG B 92 17.75 -13.07 -5.01
CA ARG B 92 19.04 -13.24 -5.75
C ARG B 92 18.74 -13.73 -7.15
N HIS B 93 17.80 -14.68 -7.28
CA HIS B 93 17.43 -15.35 -8.55
C HIS B 93 16.65 -14.37 -9.45
N THR B 94 15.80 -13.53 -8.86
CA THR B 94 14.92 -12.56 -9.58
C THR B 94 15.68 -11.30 -10.00
N LEU B 95 16.77 -10.90 -9.32
CA LEU B 95 17.32 -9.52 -9.41
C LEU B 95 18.80 -9.58 -9.85
N THR B 96 19.20 -10.59 -10.63
CA THR B 96 20.56 -10.70 -11.22
C THR B 96 20.43 -10.68 -12.74
N PRO B 97 21.33 -9.98 -13.48
CA PRO B 97 21.39 -10.07 -14.95
C PRO B 97 21.26 -11.50 -15.49
N ALA B 103 17.99 -14.11 -15.73
CA ALA B 103 16.93 -13.14 -16.07
C ALA B 103 17.43 -12.20 -17.17
N PRO B 104 16.63 -11.90 -18.22
CA PRO B 104 17.10 -11.13 -19.38
C PRO B 104 17.18 -9.62 -19.11
N SER B 105 17.54 -8.83 -20.12
CA SER B 105 17.82 -7.36 -20.02
C SER B 105 16.55 -6.60 -19.63
N TRP B 106 16.29 -6.54 -18.32
CA TRP B 106 15.25 -5.73 -17.64
C TRP B 106 15.88 -4.43 -17.09
N GLU B 107 16.35 -3.56 -17.98
CA GLU B 107 16.53 -2.09 -17.74
C GLU B 107 15.25 -1.41 -18.25
N TRP B 108 14.36 -2.18 -18.87
CA TRP B 108 12.97 -1.82 -19.28
C TRP B 108 12.15 -1.45 -18.05
N ALA B 109 12.16 -2.36 -17.06
CA ALA B 109 11.53 -2.20 -15.74
C ALA B 109 11.94 -0.86 -15.14
N ARG B 110 13.24 -0.56 -15.18
CA ARG B 110 13.81 0.72 -14.68
C ARG B 110 12.89 1.89 -15.09
N THR B 111 12.61 2.03 -16.38
CA THR B 111 11.96 3.24 -16.92
C THR B 111 10.47 3.27 -16.51
N LEU B 112 9.76 2.15 -16.60
CA LEU B 112 8.33 2.06 -16.15
C LEU B 112 8.22 2.37 -14.65
N ILE B 113 9.11 1.81 -13.83
CA ILE B 113 9.02 2.13 -12.38
C ILE B 113 9.30 3.63 -12.22
N ARG B 114 10.35 4.14 -12.87
CA ARG B 114 10.70 5.59 -12.80
C ARG B 114 9.50 6.45 -13.22
N LEU B 115 8.72 6.04 -14.23
CA LEU B 115 7.55 6.84 -14.70
C LEU B 115 6.48 6.97 -13.61
N ALA B 116 6.26 5.91 -12.83
CA ALA B 116 5.37 5.87 -11.65
C ALA B 116 5.74 6.98 -10.68
N GLU B 117 7.05 7.25 -10.53
CA GLU B 117 7.59 8.27 -9.58
C GLU B 117 6.97 9.63 -9.90
N SER B 118 6.72 9.94 -11.17
CA SER B 118 6.09 11.22 -11.60
C SER B 118 4.56 11.16 -11.46
N SER B 119 3.89 10.12 -11.99
CA SER B 119 2.42 10.18 -12.27
C SER B 119 1.64 9.51 -11.14
N PRO B 120 0.74 10.27 -10.45
CA PRO B 120 -0.17 9.69 -9.46
C PRO B 120 -0.92 8.47 -9.99
N ALA B 121 -1.59 8.57 -11.12
CA ALA B 121 -2.41 7.48 -11.68
C ALA B 121 -1.54 6.23 -11.89
N LEU B 122 -0.31 6.35 -12.40
CA LEU B 122 0.56 5.17 -12.66
C LEU B 122 1.16 4.66 -11.35
N ARG B 123 1.49 5.58 -10.44
CA ARG B 123 1.97 5.17 -9.08
C ARG B 123 0.93 4.26 -8.44
N LYS B 124 -0.36 4.57 -8.57
CA LYS B 124 -1.46 3.73 -8.01
C LYS B 124 -1.50 2.33 -8.65
N VAL B 125 -1.24 2.22 -9.94
CA VAL B 125 -1.24 0.89 -10.62
C VAL B 125 -0.07 0.06 -10.04
N TRP B 126 1.12 0.64 -9.96
CA TRP B 126 2.35 0.00 -9.40
C TRP B 126 2.08 -0.46 -7.97
N ALA B 127 1.45 0.41 -7.17
CA ALA B 127 1.13 0.13 -5.75
C ALA B 127 0.16 -1.05 -5.68
N GLU B 128 -0.83 -1.11 -6.56
CA GLU B 128 -1.87 -2.18 -6.56
C GLU B 128 -1.22 -3.51 -6.94
N VAL B 129 -0.29 -3.51 -7.89
CA VAL B 129 0.46 -4.75 -8.25
C VAL B 129 1.31 -5.21 -7.06
N CYS B 130 2.09 -4.33 -6.45
CA CYS B 130 2.92 -4.67 -5.25
C CYS B 130 2.00 -5.24 -4.16
N HIS B 131 0.84 -4.62 -3.95
CA HIS B 131 -0.12 -5.06 -2.90
C HIS B 131 -0.64 -6.46 -3.22
N SER B 132 -1.03 -6.74 -4.47
CA SER B 132 -1.52 -8.09 -4.89
C SER B 132 -0.49 -9.17 -4.64
N THR B 133 0.78 -8.85 -4.88
CA THR B 133 1.94 -9.74 -4.70
C THR B 133 2.00 -10.25 -3.24
N GLU B 134 1.58 -9.44 -2.29
CA GLU B 134 1.54 -9.82 -0.85
C GLU B 134 0.73 -11.09 -0.63
N ARG B 135 -0.48 -11.16 -1.22
CA ARG B 135 -1.36 -12.33 -1.03
C ARG B 135 -0.67 -13.57 -1.60
N GLY B 136 -0.03 -13.46 -2.77
CA GLY B 136 0.70 -14.58 -3.40
C GLY B 136 1.86 -15.05 -2.51
N LEU B 137 2.57 -14.10 -1.89
CA LEU B 137 3.71 -14.38 -1.00
C LEU B 137 3.23 -15.17 0.22
N VAL B 138 2.11 -14.73 0.80
CA VAL B 138 1.46 -15.40 1.95
C VAL B 138 1.18 -16.85 1.53
N GLN B 139 0.54 -17.06 0.39
CA GLN B 139 0.18 -18.42 -0.06
C GLN B 139 1.47 -19.21 -0.29
N ALA B 140 2.50 -18.65 -0.94
CA ALA B 140 3.74 -19.41 -1.23
C ALA B 140 4.47 -19.77 0.10
N LEU B 141 4.61 -18.81 1.01
CA LEU B 141 5.24 -19.07 2.34
C LEU B 141 4.46 -20.16 3.10
N ALA B 142 3.13 -20.05 3.17
CA ALA B 142 2.27 -21.00 3.93
C ALA B 142 2.48 -22.42 3.37
N ALA B 143 2.54 -22.58 2.04
CA ALA B 143 2.79 -23.87 1.37
C ALA B 143 4.14 -24.44 1.82
N ARG B 144 5.21 -23.64 1.86
CA ARG B 144 6.56 -24.17 2.21
C ARG B 144 6.59 -24.62 3.67
N MET B 145 5.83 -23.99 4.56
CA MET B 145 5.91 -24.23 6.03
C MET B 145 4.94 -25.35 6.45
N SER B 146 4.10 -25.82 5.53
CA SER B 146 2.93 -26.68 5.82
C SER B 146 3.35 -28.16 5.89
N GLY B 147 4.60 -28.50 5.55
CA GLY B 147 5.09 -29.89 5.47
C GLY B 147 4.22 -30.75 4.57
N GLY B 148 3.61 -30.15 3.54
CA GLY B 148 2.74 -30.83 2.55
C GLY B 148 1.26 -30.67 2.85
N ASP B 149 0.91 -30.47 4.13
CA ASP B 149 -0.49 -30.61 4.65
C ASP B 149 -1.31 -29.38 4.23
N ASP B 150 -2.28 -29.56 3.32
CA ASP B 150 -3.12 -28.48 2.73
C ASP B 150 -3.87 -27.70 3.82
N ASN B 151 -4.32 -28.36 4.90
CA ASN B 151 -5.13 -27.71 5.95
C ASN B 151 -4.21 -27.00 6.97
N VAL B 152 -2.95 -27.41 7.05
CA VAL B 152 -1.93 -26.63 7.81
C VAL B 152 -1.62 -25.35 6.99
N ALA B 153 -1.38 -25.48 5.67
CA ALA B 153 -1.18 -24.33 4.75
C ALA B 153 -2.34 -23.33 4.86
N VAL B 154 -3.58 -23.79 5.00
CA VAL B 154 -4.79 -22.92 5.15
C VAL B 154 -4.69 -22.14 6.47
N ARG B 155 -4.37 -22.81 7.59
CA ARG B 155 -4.31 -22.15 8.91
C ARG B 155 -3.17 -21.10 8.89
N LEU B 156 -2.00 -21.47 8.35
CA LEU B 156 -0.81 -20.59 8.27
C LEU B 156 -1.09 -19.36 7.41
N ALA B 157 -1.80 -19.49 6.28
CA ALA B 157 -2.14 -18.36 5.38
C ALA B 157 -3.23 -17.48 6.01
N ALA B 158 -3.71 -17.81 7.21
CA ALA B 158 -4.60 -16.96 8.04
C ALA B 158 -3.79 -16.23 9.11
N SER B 159 -2.53 -16.60 9.36
CA SER B 159 -1.66 -16.08 10.44
C SER B 159 -1.38 -14.57 10.26
N PRO B 160 -1.60 -13.70 11.26
CA PRO B 160 -1.21 -12.30 11.17
C PRO B 160 0.32 -12.18 11.03
N ARG B 161 1.08 -13.08 11.61
CA ARG B 161 2.56 -13.05 11.56
C ARG B 161 3.00 -13.26 10.11
N LEU B 162 2.37 -14.17 9.36
CA LEU B 162 2.74 -14.39 7.93
C LEU B 162 2.32 -13.19 7.08
N HIS B 163 1.12 -12.63 7.31
CA HIS B 163 0.61 -11.45 6.57
C HIS B 163 1.65 -10.32 6.76
N PHE B 164 2.12 -10.09 8.00
CA PHE B 164 3.06 -9.00 8.27
C PHE B 164 4.41 -9.31 7.58
N ALA B 165 4.97 -10.50 7.77
CA ALA B 165 6.27 -10.89 7.15
C ALA B 165 6.18 -10.72 5.63
N ALA B 166 5.07 -11.08 4.99
CA ALA B 166 4.87 -10.96 3.53
C ALA B 166 4.90 -9.47 3.10
N ALA B 167 4.22 -8.64 3.86
CA ALA B 167 4.18 -7.17 3.63
C ALA B 167 5.61 -6.61 3.74
N VAL B 168 6.38 -7.07 4.71
CA VAL B 168 7.73 -6.53 4.97
C VAL B 168 8.65 -7.00 3.84
N ALA B 169 8.54 -8.29 3.45
CA ALA B 169 9.32 -8.81 2.32
C ALA B 169 8.96 -8.03 1.05
N GLY B 170 7.68 -7.83 0.77
CA GLY B 170 7.23 -7.06 -0.41
C GLY B 170 7.76 -5.62 -0.39
N ALA B 171 7.72 -4.95 0.76
CA ALA B 171 8.25 -3.59 0.96
C ALA B 171 9.76 -3.58 0.69
N SER B 172 10.45 -4.63 1.13
CA SER B 172 11.92 -4.75 1.00
C SER B 172 12.29 -4.60 -0.47
N VAL B 173 11.58 -5.33 -1.34
CA VAL B 173 11.86 -5.38 -2.79
C VAL B 173 11.28 -4.13 -3.47
N ARG B 174 10.10 -3.71 -3.10
CA ARG B 174 9.42 -2.54 -3.74
C ARG B 174 10.26 -1.26 -3.51
N VAL B 175 10.61 -0.99 -2.27
CA VAL B 175 11.33 0.24 -1.86
C VAL B 175 12.74 0.22 -2.50
N ALA B 176 13.39 -0.95 -2.59
CA ALA B 176 14.68 -1.10 -3.29
C ALA B 176 14.52 -0.84 -4.81
N ALA B 177 13.43 -1.31 -5.40
CA ALA B 177 13.09 -1.12 -6.83
C ALA B 177 12.85 0.37 -7.12
N GLU B 178 12.01 1.05 -6.34
CA GLU B 178 11.75 2.52 -6.47
C GLU B 178 13.06 3.32 -6.42
N HIS B 179 13.91 3.08 -5.44
CA HIS B 179 15.18 3.83 -5.26
C HIS B 179 16.12 3.51 -6.44
N TRP B 180 16.23 2.24 -6.82
CA TRP B 180 17.06 1.80 -7.97
C TRP B 180 16.59 2.49 -9.25
N ALA B 181 15.27 2.52 -9.49
CA ALA B 181 14.66 3.06 -10.74
C ALA B 181 14.96 4.56 -10.87
N SER B 182 14.97 5.29 -9.75
CA SER B 182 15.07 6.76 -9.76
C SER B 182 16.53 7.23 -9.71
N SER B 183 17.49 6.31 -9.47
CA SER B 183 18.97 6.54 -9.47
C SER B 183 19.51 6.64 -10.90
N SER B 184 20.73 7.17 -11.06
CA SER B 184 21.43 7.40 -12.35
C SER B 184 21.69 6.09 -13.09
N PRO B 185 21.40 5.98 -14.40
CA PRO B 185 21.92 4.87 -15.22
C PRO B 185 23.45 4.89 -15.34
N ALA B 188 24.40 1.81 -9.61
CA ALA B 188 24.38 0.45 -9.02
C ALA B 188 23.28 -0.39 -9.67
N ARG B 189 23.53 -0.86 -10.90
CA ARG B 189 22.71 -1.90 -11.59
C ARG B 189 22.31 -2.96 -10.57
N SER B 190 21.02 -3.34 -10.58
CA SER B 190 20.35 -4.32 -9.67
C SER B 190 19.94 -3.67 -8.34
N PRO B 191 18.64 -3.74 -7.97
CA PRO B 191 18.18 -3.35 -6.63
C PRO B 191 18.58 -4.36 -5.53
N LEU B 192 19.28 -5.42 -5.91
CA LEU B 192 19.58 -6.62 -5.08
C LEU B 192 20.06 -6.19 -3.70
N GLU B 193 21.15 -5.43 -3.62
CA GLU B 193 21.86 -5.21 -2.33
C GLU B 193 20.92 -4.48 -1.37
N GLN B 194 20.20 -3.50 -1.86
CA GLN B 194 19.25 -2.71 -1.03
C GLN B 194 18.18 -3.66 -0.50
N ALA B 195 17.70 -4.56 -1.37
CA ALA B 195 16.58 -5.48 -1.07
C ALA B 195 17.03 -6.47 0.03
N LEU B 196 18.27 -6.97 -0.06
CA LEU B 196 18.84 -7.91 0.95
C LEU B 196 19.01 -7.19 2.27
N LEU B 197 19.52 -5.95 2.27
CA LEU B 197 19.69 -5.15 3.50
C LEU B 197 18.31 -4.99 4.16
N ASN B 198 17.32 -4.60 3.37
CA ASN B 198 15.92 -4.41 3.81
C ASN B 198 15.43 -5.71 4.50
N LEU B 199 15.65 -6.85 3.81
CA LEU B 199 15.16 -8.17 4.26
C LEU B 199 15.78 -8.54 5.61
N GLU B 200 16.94 -8.00 5.98
CA GLU B 200 17.63 -8.32 7.25
C GLU B 200 16.70 -7.97 8.43
N VAL B 201 15.71 -7.09 8.23
CA VAL B 201 14.80 -6.71 9.34
C VAL B 201 13.98 -7.93 9.80
N LEU B 202 13.88 -8.99 8.98
CA LEU B 202 13.10 -10.22 9.33
C LEU B 202 13.99 -11.24 10.06
N ARG B 203 15.27 -10.97 10.32
CA ARG B 203 16.14 -11.92 11.06
C ARG B 203 15.51 -12.15 12.44
N GLY B 204 15.31 -13.41 12.85
CA GLY B 204 14.78 -13.77 14.17
C GLY B 204 13.28 -13.58 14.30
N PHE B 205 12.56 -13.30 13.20
CA PHE B 205 11.11 -13.11 13.28
C PHE B 205 10.49 -14.46 13.65
N ALA B 206 9.40 -14.47 14.40
CA ALA B 206 8.68 -15.71 14.81
C ALA B 206 7.60 -16.09 13.79
N TRP B 207 7.98 -16.94 12.85
CA TRP B 207 7.15 -17.39 11.70
C TRP B 207 5.89 -18.15 12.15
N GLU B 208 5.89 -18.70 13.37
CA GLU B 208 4.73 -19.38 14.01
C GLU B 208 4.56 -18.88 15.46
N ALA B 209 3.52 -19.35 16.16
CA ALA B 209 3.28 -19.06 17.60
C ALA B 209 4.39 -19.69 18.44
N1 SPD C . -5.96 5.08 9.24
C2 SPD C . -5.29 4.22 10.22
C3 SPD C . -3.80 4.00 10.01
C4 SPD C . -3.35 4.13 8.56
C5 SPD C . -2.25 3.15 8.20
N6 SPD C . -1.51 3.55 7.00
C7 SPD C . -0.71 2.52 6.36
C8 SPD C . 0.55 3.09 5.72
C9 SPD C . 1.14 2.18 4.65
N10 SPD C . 2.48 2.63 4.23
#